data_8ADR
#
_entry.id   8ADR
#
_cell.length_a   81.016
_cell.length_b   108.244
_cell.length_c   105.779
_cell.angle_alpha   90.000
_cell.angle_beta   90.000
_cell.angle_gamma   90.000
#
_symmetry.space_group_name_H-M   'C 2 2 21'
#
loop_
_entity.id
_entity.type
_entity.pdbx_description
1 polymer 'Cytochrome P450 protein'
2 non-polymer 'pyridin-3-ylboronic acid'
3 non-polymer 'PROTOPORPHYRIN IX CONTAINING FE'
4 water water
#
_entity_poly.entity_id   1
_entity_poly.type   'polypeptide(L)'
_entity_poly.pdbx_seq_one_letter_code
;GSLKVYNSIFDQAYEIDPIPYFNFLRKHDPVHYEESIDAYFVSKYKDVKYILKNNDIFNTKTLAKRAEPVMKDRVLAQMS
GQEHKSKKKAILKGMTGKYLENLMPILEKRTNDIINKHIEKKEIDIVNDFGKVFAVQSSMDLLGINLENYEKIREWHNGI
AKFITSFNLNDEEIKYSLECSDKLENYLMPLIKDRKKSTKDDLISILLEYKNDENSISDTEILALSLNVLLAATEPVDKT
LAYLFYNLLKNPEQFESVKNNPKLIKNAIIETLRYNSPVQLIPRQVSKPFIFNNTELQAGDTVICMIGSANRDPEAYSNP
DEFNIHRSSDNKSPFTSHSQNLSFGTGVHTCVGASFSLIQLEMVAILLLKRLKNIKLKTMEITEHGIYTRGPKSMVISFD
;
_entity_poly.pdbx_strand_id   A
#
loop_
_chem_comp.id
_chem_comp.type
_chem_comp.name
_chem_comp.formula
HEM non-polymer 'PROTOPORPHYRIN IX CONTAINING FE' 'C34 H32 Fe N4 O4'
LS9 non-polymer 'pyridin-3-ylboronic acid' 'C5 H6 B N O2'
#
# COMPACT_ATOMS: atom_id res chain seq x y z
N LYS A 4 -1.66 11.12 31.95
CA LYS A 4 -0.34 11.73 31.79
C LYS A 4 -0.22 12.42 30.43
N VAL A 5 -0.62 11.71 29.37
CA VAL A 5 -0.64 12.25 28.02
C VAL A 5 -2.09 12.27 27.54
N TYR A 6 -2.47 13.34 26.85
CA TYR A 6 -3.84 13.54 26.43
C TYR A 6 -4.04 13.49 24.93
N ASN A 7 -2.97 13.48 24.15
CA ASN A 7 -3.06 13.34 22.70
C ASN A 7 -2.89 11.86 22.35
N SER A 8 -3.90 11.28 21.68
CA SER A 8 -3.93 9.86 21.39
C SER A 8 -4.21 9.63 19.91
N ILE A 9 -3.54 8.61 19.35
CA ILE A 9 -3.76 8.22 17.96
C ILE A 9 -5.23 7.93 17.71
N PHE A 10 -5.94 7.48 18.75
CA PHE A 10 -7.33 7.03 18.60
C PHE A 10 -8.33 8.11 18.97
N ASP A 11 -7.87 9.35 19.20
CA ASP A 11 -8.80 10.46 19.28
C ASP A 11 -9.59 10.56 17.98
N GLN A 12 -10.83 11.04 18.07
CA GLN A 12 -11.64 11.21 16.88
C GLN A 12 -10.95 12.14 15.87
N ALA A 13 -10.27 13.17 16.38
CA ALA A 13 -9.67 14.16 15.51
C ALA A 13 -8.53 13.62 14.67
N TYR A 14 -7.87 12.54 15.11
CA TYR A 14 -6.71 12.04 14.39
C TYR A 14 -7.10 11.54 13.00
N GLU A 15 -8.12 10.70 12.92
CA GLU A 15 -8.48 10.16 11.61
C GLU A 15 -8.98 11.26 10.67
N ILE A 16 -9.56 12.34 11.23
CA ILE A 16 -10.03 13.44 10.39
C ILE A 16 -8.86 14.21 9.80
N ASP A 17 -7.88 14.53 10.62
CA ASP A 17 -6.68 15.24 10.17
C ASP A 17 -5.52 14.89 11.10
N PRO A 18 -4.65 13.96 10.69
CA PRO A 18 -3.56 13.55 11.58
C PRO A 18 -2.34 14.46 11.53
N ILE A 19 -2.27 15.41 10.61
CA ILE A 19 -1.06 16.20 10.47
C ILE A 19 -0.72 16.93 11.76
N PRO A 20 -1.65 17.59 12.44
CA PRO A 20 -1.31 18.22 13.73
C PRO A 20 -0.74 17.22 14.72
N TYR A 21 -1.21 15.96 14.66
CA TYR A 21 -0.67 14.93 15.54
C TYR A 21 0.75 14.58 15.14
N PHE A 22 1.02 14.48 13.83
CA PHE A 22 2.39 14.23 13.40
C PHE A 22 3.34 15.24 14.01
N ASN A 23 3.00 16.52 13.92
CA ASN A 23 3.88 17.59 14.41
C ASN A 23 4.06 17.49 15.92
N PHE A 24 2.99 17.21 16.65
CA PHE A 24 3.09 17.13 18.11
C PHE A 24 3.98 15.97 18.53
N LEU A 25 3.77 14.80 17.95
CA LEU A 25 4.49 13.60 18.36
C LEU A 25 5.97 13.72 18.05
N ARG A 26 6.32 14.16 16.84
CA ARG A 26 7.72 14.28 16.49
C ARG A 26 8.42 15.25 17.42
N LYS A 27 7.73 16.30 17.87
CA LYS A 27 8.37 17.32 18.70
C LYS A 27 8.39 16.95 20.18
N HIS A 28 7.32 16.30 20.67
CA HIS A 28 7.13 16.11 22.10
C HIS A 28 7.01 14.67 22.56
N ASP A 29 6.80 13.72 21.67
CA ASP A 29 6.73 12.32 22.08
C ASP A 29 7.06 11.42 20.91
N PRO A 30 8.33 11.35 20.48
CA PRO A 30 8.66 10.61 19.25
C PRO A 30 8.42 9.12 19.34
N VAL A 31 8.32 8.56 20.54
CA VAL A 31 8.01 7.14 20.75
C VAL A 31 6.87 7.13 21.75
N HIS A 32 5.64 7.04 21.25
CA HIS A 32 4.44 7.40 22.01
C HIS A 32 3.59 6.16 22.29
N TYR A 33 3.37 5.90 23.58
CA TYR A 33 2.65 4.68 23.96
C TYR A 33 1.13 4.85 23.84
N GLU A 34 0.47 3.82 23.31
CA GLU A 34 -0.99 3.75 23.27
C GLU A 34 -1.43 2.49 24.00
N GLU A 35 -1.97 2.64 25.20
CA GLU A 35 -2.30 1.49 26.02
C GLU A 35 -3.44 0.66 25.43
N SER A 36 -4.27 1.24 24.58
CA SER A 36 -5.42 0.52 24.08
C SER A 36 -4.99 -0.67 23.23
N ILE A 37 -3.81 -0.60 22.59
CA ILE A 37 -3.29 -1.69 21.79
C ILE A 37 -1.89 -2.08 22.24
N ASP A 38 -1.44 -1.53 23.36
CA ASP A 38 -0.15 -1.88 23.96
C ASP A 38 0.98 -1.82 22.93
N ALA A 39 1.11 -0.65 22.31
CA ALA A 39 2.14 -0.46 21.30
C ALA A 39 2.63 0.98 21.36
N TYR A 40 3.83 1.20 20.83
CA TYR A 40 4.47 2.50 20.77
C TYR A 40 4.51 3.01 19.33
N PHE A 41 4.05 4.23 19.11
CA PHE A 41 4.00 4.82 17.78
C PHE A 41 5.23 5.68 17.57
N VAL A 42 5.95 5.44 16.48
CA VAL A 42 7.24 6.08 16.19
C VAL A 42 7.05 7.06 15.05
N SER A 43 7.33 8.35 15.30
CA SER A 43 6.93 9.40 14.38
C SER A 43 8.04 10.04 13.59
N LYS A 44 9.29 9.88 13.99
CA LYS A 44 10.39 10.59 13.38
C LYS A 44 11.02 9.77 12.25
N TYR A 45 11.45 10.48 11.21
CA TYR A 45 12.08 9.83 10.06
C TYR A 45 13.28 8.99 10.49
N LYS A 46 14.16 9.56 11.32
CA LYS A 46 15.39 8.88 11.69
C LYS A 46 15.10 7.58 12.43
N ASP A 47 14.15 7.61 13.38
CA ASP A 47 13.83 6.40 14.15
C ASP A 47 13.04 5.36 13.31
N VAL A 48 12.12 5.79 12.46
CA VAL A 48 11.46 4.83 11.57
C VAL A 48 12.48 4.12 10.68
N LYS A 49 13.36 4.89 10.04
CA LYS A 49 14.40 4.29 9.19
C LYS A 49 15.28 3.32 9.97
N TYR A 50 15.64 3.70 11.20
CA TYR A 50 16.49 2.83 12.02
C TYR A 50 15.76 1.53 12.29
N ILE A 51 14.49 1.61 12.70
CA ILE A 51 13.72 0.40 13.00
C ILE A 51 13.66 -0.51 11.77
N LEU A 52 13.25 0.04 10.63
CA LEU A 52 13.06 -0.78 9.43
C LEU A 52 14.38 -1.33 8.89
N LYS A 53 15.49 -0.64 9.16
CA LYS A 53 16.78 -1.08 8.64
C LYS A 53 17.44 -2.14 9.51
N ASN A 54 16.90 -2.41 10.69
CA ASN A 54 17.48 -3.36 11.64
C ASN A 54 16.49 -4.47 11.91
N ASN A 55 16.42 -5.41 10.96
CA ASN A 55 15.45 -6.51 11.05
C ASN A 55 15.71 -7.41 12.23
N ASP A 56 16.90 -7.37 12.80
CA ASP A 56 17.22 -8.23 13.94
C ASP A 56 16.59 -7.74 15.23
N ILE A 57 16.65 -6.43 15.46
CA ILE A 57 16.15 -5.87 16.72
C ILE A 57 14.64 -5.72 16.66
N PHE A 58 14.11 -5.34 15.49
CA PHE A 58 12.67 -5.17 15.27
C PHE A 58 12.24 -6.12 14.15
N ASN A 59 11.62 -7.23 14.51
CA ASN A 59 11.29 -8.29 13.58
C ASN A 59 9.81 -8.24 13.19
N THR A 60 9.44 -9.12 12.27
CA THR A 60 8.12 -9.12 11.66
C THR A 60 7.19 -10.18 12.24
N LYS A 61 7.52 -10.72 13.41
CA LYS A 61 6.68 -11.74 14.03
C LYS A 61 5.36 -11.17 14.56
N THR A 62 5.20 -9.85 14.52
CA THR A 62 3.94 -9.21 14.91
C THR A 62 2.85 -9.36 13.85
N LEU A 63 3.17 -9.97 12.72
CA LEU A 63 2.23 -10.02 11.59
C LEU A 63 1.25 -11.18 11.73
N ALA A 64 1.77 -12.39 11.93
CA ALA A 64 0.93 -13.59 11.95
C ALA A 64 -0.39 -13.38 12.69
N LYS A 65 -0.31 -12.89 13.92
CA LYS A 65 -1.54 -12.63 14.68
C LYS A 65 -2.54 -11.81 13.87
N ARG A 66 -2.04 -10.82 13.12
CA ARG A 66 -2.88 -9.95 12.31
C ARG A 66 -2.90 -10.36 10.84
N ALA A 67 -2.68 -11.65 10.55
CA ALA A 67 -2.60 -12.10 9.17
C ALA A 67 -3.08 -13.53 9.00
N GLU A 68 -2.37 -14.47 9.63
CA GLU A 68 -2.71 -15.88 9.47
C GLU A 68 -4.20 -16.15 9.59
N PRO A 69 -4.93 -15.55 10.55
CA PRO A 69 -6.38 -15.80 10.62
C PRO A 69 -7.04 -15.73 9.26
N VAL A 70 -6.68 -14.75 8.44
CA VAL A 70 -7.30 -14.53 7.15
C VAL A 70 -6.41 -14.95 6.00
N MET A 71 -5.17 -15.36 6.26
CA MET A 71 -4.23 -15.69 5.21
C MET A 71 -3.99 -17.19 5.02
N LYS A 72 -4.35 -18.02 6.01
CA LYS A 72 -4.27 -19.48 5.93
C LYS A 72 -2.87 -20.02 6.17
N ASP A 73 -1.84 -19.37 5.62
CA ASP A 73 -0.48 -19.87 5.75
C ASP A 73 0.48 -18.68 5.82
N ARG A 74 1.77 -18.95 5.67
CA ARG A 74 2.79 -17.94 5.94
C ARG A 74 2.80 -16.87 4.86
N VAL A 75 3.07 -15.64 5.27
CA VAL A 75 3.15 -14.48 4.40
C VAL A 75 4.62 -14.14 4.21
N LEU A 76 4.94 -13.50 3.09
CA LEU A 76 6.33 -13.18 2.76
C LEU A 76 7.02 -12.43 3.90
N ALA A 77 6.31 -11.50 4.55
CA ALA A 77 6.92 -10.67 5.57
C ALA A 77 7.39 -11.50 6.75
N GLN A 78 6.77 -12.66 7.00
CA GLN A 78 7.18 -13.48 8.13
C GLN A 78 8.41 -14.35 7.84
N MET A 79 8.92 -14.31 6.61
CA MET A 79 10.06 -15.11 6.21
C MET A 79 11.37 -14.35 6.42
N SER A 80 12.47 -15.08 6.42
CA SER A 80 13.79 -14.46 6.54
C SER A 80 14.81 -15.35 5.86
N GLY A 81 16.05 -14.88 5.84
CA GLY A 81 17.14 -15.67 5.29
C GLY A 81 17.01 -15.88 3.80
N GLN A 82 17.55 -17.01 3.33
CA GLN A 82 17.52 -17.35 1.91
C GLN A 82 16.11 -17.63 1.44
N GLU A 83 15.21 -18.02 2.34
CA GLU A 83 13.82 -18.29 1.94
C GLU A 83 13.10 -17.02 1.54
N HIS A 84 13.22 -15.97 2.36
CA HIS A 84 12.60 -14.70 2.02
C HIS A 84 13.20 -14.13 0.74
N LYS A 85 14.51 -14.20 0.59
CA LYS A 85 15.16 -13.62 -0.57
C LYS A 85 14.71 -14.32 -1.85
N SER A 86 14.73 -15.64 -1.85
CA SER A 86 14.41 -16.39 -3.08
C SER A 86 12.92 -16.29 -3.42
N LYS A 87 12.06 -16.30 -2.41
CA LYS A 87 10.62 -16.23 -2.66
C LYS A 87 10.21 -14.81 -3.01
N LYS A 88 10.91 -13.81 -2.47
CA LYS A 88 10.68 -12.44 -2.91
C LYS A 88 11.11 -12.28 -4.36
N LYS A 89 12.24 -12.90 -4.74
CA LYS A 89 12.70 -12.84 -6.12
C LYS A 89 11.72 -13.51 -7.07
N ALA A 90 11.06 -14.57 -6.60
CA ALA A 90 10.09 -15.24 -7.44
C ALA A 90 8.89 -14.35 -7.71
N ILE A 91 8.40 -13.67 -6.67
CA ILE A 91 7.26 -12.77 -6.84
C ILE A 91 7.62 -11.62 -7.77
N LEU A 92 8.80 -11.03 -7.59
CA LEU A 92 9.22 -9.93 -8.44
C LEU A 92 9.27 -10.35 -9.90
N LYS A 93 9.59 -11.62 -10.16
CA LYS A 93 9.62 -12.11 -11.54
C LYS A 93 8.28 -11.93 -12.22
N GLY A 94 7.19 -11.98 -11.47
CA GLY A 94 5.86 -11.85 -12.06
C GLY A 94 5.51 -10.45 -12.45
N MET A 95 6.30 -9.46 -12.06
CA MET A 95 6.02 -8.08 -12.45
C MET A 95 7.26 -7.44 -13.08
N THR A 96 8.17 -8.25 -13.62
CA THR A 96 9.34 -7.76 -14.32
C THR A 96 9.56 -8.62 -15.56
N GLY A 97 10.58 -8.26 -16.34
CA GLY A 97 10.91 -9.07 -17.48
C GLY A 97 9.74 -9.27 -18.44
N LYS A 98 9.64 -10.50 -18.96
CA LYS A 98 8.61 -10.79 -19.96
C LYS A 98 7.21 -10.64 -19.37
N TYR A 99 7.04 -11.05 -18.11
CA TYR A 99 5.72 -10.93 -17.48
C TYR A 99 5.25 -9.49 -17.45
N LEU A 100 6.18 -8.55 -17.24
CA LEU A 100 5.79 -7.14 -17.22
C LEU A 100 5.49 -6.64 -18.63
N GLU A 101 6.26 -7.09 -19.61
CA GLU A 101 5.96 -6.70 -20.99
C GLU A 101 4.57 -7.15 -21.42
N ASN A 102 4.13 -8.33 -20.96
CA ASN A 102 2.80 -8.82 -21.34
C ASN A 102 1.69 -8.12 -20.56
N LEU A 103 1.96 -7.80 -19.30
CA LEU A 103 0.93 -7.27 -18.42
C LEU A 103 0.56 -5.85 -18.79
N MET A 104 1.55 -5.01 -19.09
CA MET A 104 1.26 -3.59 -19.25
C MET A 104 0.27 -3.29 -20.37
N PRO A 105 0.35 -3.92 -21.56
CA PRO A 105 -0.71 -3.73 -22.56
C PRO A 105 -2.08 -4.12 -22.03
N ILE A 106 -2.15 -5.15 -21.18
CA ILE A 106 -3.44 -5.55 -20.61
C ILE A 106 -3.94 -4.50 -19.63
N LEU A 107 -3.05 -3.94 -18.80
CA LEU A 107 -3.47 -2.88 -17.88
C LEU A 107 -3.89 -1.63 -18.64
N GLU A 108 -3.29 -1.37 -19.81
CA GLU A 108 -3.80 -0.31 -20.68
C GLU A 108 -5.24 -0.61 -21.11
N LYS A 109 -5.53 -1.87 -21.47
CA LYS A 109 -6.90 -2.23 -21.84
C LYS A 109 -7.84 -1.99 -20.67
N ARG A 110 -7.48 -2.44 -19.48
CA ARG A 110 -8.32 -2.22 -18.31
C ARG A 110 -8.60 -0.73 -18.12
N THR A 111 -7.55 0.09 -18.25
CA THR A 111 -7.70 1.53 -18.04
C THR A 111 -8.64 2.12 -19.07
N ASN A 112 -8.39 1.86 -20.35
CA ASN A 112 -9.23 2.45 -21.39
C ASN A 112 -10.66 1.92 -21.33
N ASP A 113 -10.85 0.66 -20.92
CA ASP A 113 -12.21 0.12 -20.81
C ASP A 113 -13.00 0.88 -19.76
N ILE A 114 -12.36 1.23 -18.65
CA ILE A 114 -13.04 2.00 -17.60
C ILE A 114 -13.35 3.40 -18.11
N ILE A 115 -12.36 4.04 -18.71
CA ILE A 115 -12.54 5.38 -19.25
C ILE A 115 -13.73 5.40 -20.22
N ASN A 116 -13.81 4.40 -21.09
CA ASN A 116 -14.87 4.37 -22.08
C ASN A 116 -16.23 4.20 -21.44
N LYS A 117 -16.29 3.68 -20.22
CA LYS A 117 -17.57 3.51 -19.54
C LYS A 117 -18.11 4.82 -18.98
N HIS A 118 -17.25 5.83 -18.80
CA HIS A 118 -17.65 7.08 -18.15
C HIS A 118 -17.46 8.31 -19.03
N ILE A 119 -16.88 8.17 -20.23
CA ILE A 119 -16.45 9.35 -20.97
C ILE A 119 -17.65 10.22 -21.38
N GLU A 120 -18.78 9.59 -21.66
CA GLU A 120 -19.92 10.38 -22.12
C GLU A 120 -20.67 11.06 -20.98
N LYS A 121 -20.36 10.74 -19.72
CA LYS A 121 -20.96 11.46 -18.61
C LYS A 121 -20.22 12.73 -18.27
N LYS A 122 -18.99 12.90 -18.79
CA LYS A 122 -18.19 14.11 -18.62
C LYS A 122 -17.66 14.27 -17.20
N GLU A 123 -17.60 13.20 -16.43
CA GLU A 123 -17.09 13.23 -15.06
C GLU A 123 -16.82 11.81 -14.61
N ILE A 124 -15.87 11.65 -13.70
CA ILE A 124 -15.50 10.34 -13.21
C ILE A 124 -14.94 10.46 -11.80
N ASP A 125 -15.28 9.50 -10.95
CA ASP A 125 -14.78 9.44 -9.58
C ASP A 125 -13.50 8.61 -9.59
N ILE A 126 -12.36 9.28 -9.39
CA ILE A 126 -11.08 8.59 -9.47
C ILE A 126 -10.98 7.49 -8.43
N VAL A 127 -11.67 7.66 -7.31
CA VAL A 127 -11.71 6.63 -6.26
C VAL A 127 -12.65 5.51 -6.66
N ASN A 128 -13.94 5.80 -6.75
CA ASN A 128 -14.97 4.77 -6.84
C ASN A 128 -15.22 4.28 -8.25
N ASP A 129 -15.14 5.14 -9.25
CA ASP A 129 -15.38 4.73 -10.63
C ASP A 129 -14.14 4.05 -11.22
N PHE A 130 -12.96 4.60 -11.00
CA PHE A 130 -11.75 4.08 -11.61
C PHE A 130 -10.91 3.24 -10.67
N GLY A 131 -10.46 3.85 -9.56
CA GLY A 131 -9.49 3.24 -8.70
C GLY A 131 -9.85 1.88 -8.13
N LYS A 132 -10.98 1.81 -7.42
CA LYS A 132 -11.39 0.54 -6.83
C LYS A 132 -11.57 -0.54 -7.88
N VAL A 133 -11.98 -0.17 -9.09
CA VAL A 133 -12.20 -1.16 -10.14
C VAL A 133 -10.87 -1.58 -10.77
N PHE A 134 -10.08 -0.59 -11.20
CA PHE A 134 -8.80 -0.89 -11.84
C PHE A 134 -7.88 -1.68 -10.91
N ALA A 135 -7.80 -1.28 -9.64
CA ALA A 135 -6.86 -1.88 -8.70
C ALA A 135 -7.04 -3.39 -8.60
N VAL A 136 -8.29 -3.84 -8.38
CA VAL A 136 -8.55 -5.27 -8.24
C VAL A 136 -8.31 -5.99 -9.56
N GLN A 137 -8.78 -5.40 -10.67
CA GLN A 137 -8.61 -6.03 -11.96
C GLN A 137 -7.14 -6.19 -12.32
N SER A 138 -6.34 -5.15 -12.07
CA SER A 138 -4.90 -5.23 -12.29
C SER A 138 -4.26 -6.33 -11.45
N SER A 139 -4.63 -6.40 -10.18
CA SER A 139 -4.10 -7.47 -9.31
C SER A 139 -4.49 -8.84 -9.79
N MET A 140 -5.69 -8.98 -10.38
CA MET A 140 -6.09 -10.28 -10.91
C MET A 140 -5.33 -10.63 -12.19
N ASP A 141 -5.13 -9.65 -13.08
CA ASP A 141 -4.28 -9.87 -14.24
C ASP A 141 -2.87 -10.26 -13.82
N LEU A 142 -2.31 -9.61 -12.81
CA LEU A 142 -0.97 -9.95 -12.35
C LEU A 142 -0.90 -11.40 -11.88
N LEU A 143 -1.91 -11.85 -11.14
CA LEU A 143 -1.93 -13.22 -10.64
C LEU A 143 -2.34 -14.23 -11.71
N GLY A 144 -3.17 -13.82 -12.66
CA GLY A 144 -3.70 -14.72 -13.65
C GLY A 144 -5.12 -15.19 -13.38
N ILE A 145 -5.90 -14.44 -12.63
CA ILE A 145 -7.29 -14.78 -12.32
C ILE A 145 -8.19 -14.09 -13.33
N ASN A 146 -9.04 -14.88 -13.99
CA ASN A 146 -9.90 -14.32 -15.02
C ASN A 146 -10.91 -13.35 -14.38
N LEU A 147 -11.27 -12.32 -15.15
CA LEU A 147 -12.04 -11.20 -14.61
C LEU A 147 -13.52 -11.50 -14.48
N GLU A 148 -13.93 -12.76 -14.59
CA GLU A 148 -15.35 -13.09 -14.48
C GLU A 148 -15.96 -12.50 -13.21
N ASN A 149 -15.35 -12.80 -12.06
CA ASN A 149 -15.99 -12.53 -10.79
C ASN A 149 -15.36 -11.33 -10.07
N TYR A 150 -14.80 -10.38 -10.81
CA TYR A 150 -14.07 -9.27 -10.18
C TYR A 150 -14.91 -8.56 -9.12
N GLU A 151 -16.23 -8.63 -9.21
CA GLU A 151 -17.08 -7.99 -8.20
C GLU A 151 -16.93 -8.69 -6.85
N LYS A 152 -17.17 -10.01 -6.82
CA LYS A 152 -17.05 -10.75 -5.56
C LYS A 152 -15.63 -10.65 -5.01
N ILE A 153 -14.62 -10.74 -5.89
CA ILE A 153 -13.25 -10.61 -5.46
C ILE A 153 -13.04 -9.27 -4.76
N ARG A 154 -13.65 -8.21 -5.28
CA ARG A 154 -13.58 -6.90 -4.61
C ARG A 154 -14.19 -6.99 -3.21
N GLU A 155 -15.43 -7.47 -3.13
CA GLU A 155 -16.09 -7.58 -1.83
C GLU A 155 -15.22 -8.35 -0.83
N TRP A 156 -14.77 -9.54 -1.23
CA TRP A 156 -14.00 -10.38 -0.32
C TRP A 156 -12.69 -9.72 0.05
N HIS A 157 -12.04 -9.08 -0.92
CA HIS A 157 -10.79 -8.37 -0.61
C HIS A 157 -11.01 -7.33 0.47
N ASN A 158 -12.10 -6.57 0.38
CA ASN A 158 -12.37 -5.54 1.38
C ASN A 158 -12.50 -6.16 2.77
N GLY A 159 -13.25 -7.25 2.88
CA GLY A 159 -13.45 -7.88 4.18
C GLY A 159 -12.15 -8.32 4.81
N ILE A 160 -11.24 -8.88 4.02
CA ILE A 160 -9.99 -9.39 4.57
C ILE A 160 -9.06 -8.23 4.94
N ALA A 161 -8.92 -7.26 4.02
CA ALA A 161 -8.13 -6.08 4.31
C ALA A 161 -8.59 -5.41 5.59
N LYS A 162 -9.91 -5.34 5.81
CA LYS A 162 -10.42 -4.73 7.03
C LYS A 162 -9.84 -5.40 8.27
N PHE A 163 -9.66 -6.72 8.23
CA PHE A 163 -9.11 -7.42 9.39
C PHE A 163 -7.65 -7.06 9.61
N ILE A 164 -6.92 -6.77 8.54
CA ILE A 164 -5.50 -6.47 8.68
C ILE A 164 -5.27 -5.01 9.04
N THR A 165 -6.10 -4.11 8.53
CA THR A 165 -5.88 -2.68 8.66
C THR A 165 -6.71 -2.06 9.77
N SER A 166 -7.18 -2.86 10.73
CA SER A 166 -8.02 -2.35 11.80
C SER A 166 -7.49 -2.80 13.16
N PHE A 167 -7.74 -1.96 14.17
CA PHE A 167 -7.46 -2.26 15.55
C PHE A 167 -8.77 -2.47 16.31
N ASN A 168 -8.78 -3.44 17.21
CA ASN A 168 -9.93 -3.71 18.07
C ASN A 168 -11.23 -3.82 17.25
N LEU A 169 -11.30 -4.90 16.48
CA LEU A 169 -12.51 -5.24 15.73
C LEU A 169 -13.46 -6.01 16.63
N ASN A 170 -14.76 -5.74 16.48
CA ASN A 170 -15.75 -6.46 17.25
C ASN A 170 -15.94 -7.86 16.67
N ASP A 171 -16.58 -8.73 17.46
CA ASP A 171 -16.65 -10.15 17.09
C ASP A 171 -17.45 -10.36 15.81
N GLU A 172 -18.44 -9.50 15.52
CA GLU A 172 -19.20 -9.66 14.29
C GLU A 172 -18.38 -9.24 13.07
N GLU A 173 -17.52 -8.23 13.22
CA GLU A 173 -16.68 -7.82 12.11
C GLU A 173 -15.60 -8.87 11.82
N ILE A 174 -15.16 -9.60 12.85
CA ILE A 174 -14.13 -10.61 12.65
C ILE A 174 -14.67 -11.79 11.83
N LYS A 175 -15.87 -12.26 12.18
CA LYS A 175 -16.40 -13.43 11.48
C LYS A 175 -16.67 -13.13 10.01
N TYR A 176 -16.98 -11.88 9.67
CA TYR A 176 -17.19 -11.52 8.28
C TYR A 176 -15.87 -11.61 7.50
N SER A 177 -14.80 -11.04 8.06
CA SER A 177 -13.52 -11.10 7.38
C SER A 177 -13.08 -12.52 7.12
N LEU A 178 -13.38 -13.44 8.05
CA LEU A 178 -13.02 -14.84 7.85
C LEU A 178 -13.90 -15.48 6.77
N GLU A 179 -15.21 -15.20 6.79
CA GLU A 179 -16.08 -15.70 5.73
C GLU A 179 -15.54 -15.29 4.35
N CYS A 180 -15.13 -14.03 4.21
CA CYS A 180 -14.49 -13.62 2.97
C CYS A 180 -13.22 -14.40 2.70
N SER A 181 -12.43 -14.66 3.74
CA SER A 181 -11.21 -15.43 3.58
C SER A 181 -11.51 -16.85 3.12
N ASP A 182 -12.56 -17.47 3.68
CA ASP A 182 -12.94 -18.81 3.25
C ASP A 182 -13.44 -18.81 1.81
N LYS A 183 -14.25 -17.80 1.45
CA LYS A 183 -14.81 -17.75 0.11
C LYS A 183 -13.71 -17.59 -0.93
N LEU A 184 -12.80 -16.63 -0.72
CA LEU A 184 -11.72 -16.43 -1.68
C LEU A 184 -10.88 -17.69 -1.81
N GLU A 185 -10.60 -18.38 -0.70
CA GLU A 185 -9.88 -19.63 -0.76
C GLU A 185 -10.64 -20.67 -1.58
N ASN A 186 -11.93 -20.85 -1.29
CA ASN A 186 -12.77 -21.77 -2.05
C ASN A 186 -12.67 -21.50 -3.55
N TYR A 187 -12.52 -20.23 -3.92
CA TYR A 187 -12.44 -19.85 -5.32
C TYR A 187 -11.07 -20.17 -5.91
N LEU A 188 -10.00 -19.79 -5.22
CA LEU A 188 -8.67 -19.82 -5.80
C LEU A 188 -8.01 -21.18 -5.74
N MET A 189 -8.43 -22.06 -4.83
CA MET A 189 -7.74 -23.33 -4.67
C MET A 189 -7.84 -24.22 -5.90
N PRO A 190 -9.03 -24.57 -6.37
CA PRO A 190 -9.16 -25.21 -7.72
C PRO A 190 -8.44 -24.44 -8.84
N LEU A 191 -8.34 -23.11 -8.79
CA LEU A 191 -7.64 -22.40 -9.85
C LEU A 191 -6.15 -22.66 -9.80
N ILE A 192 -5.60 -22.90 -8.61
CA ILE A 192 -4.19 -23.27 -8.48
C ILE A 192 -3.97 -24.65 -9.07
N LYS A 193 -4.93 -25.56 -8.86
CA LYS A 193 -4.78 -26.92 -9.39
C LYS A 193 -4.79 -26.91 -10.92
N ASP A 194 -5.60 -26.05 -11.53
CA ASP A 194 -5.66 -25.99 -12.98
C ASP A 194 -4.40 -25.34 -13.56
N ARG A 195 -4.00 -24.19 -13.01
CA ARG A 195 -2.75 -23.55 -13.43
C ARG A 195 -1.59 -24.54 -13.36
N LYS A 196 -1.71 -25.56 -12.51
CA LYS A 196 -0.72 -26.63 -12.45
C LYS A 196 -0.78 -27.49 -13.72
N LYS A 197 -1.97 -28.00 -14.06
CA LYS A 197 -2.11 -28.86 -15.22
C LYS A 197 -1.50 -28.21 -16.47
N SER A 198 -1.93 -26.98 -16.77
CA SER A 198 -1.42 -26.21 -17.90
C SER A 198 -0.94 -24.87 -17.35
N THR A 199 0.38 -24.72 -17.20
CA THR A 199 0.96 -23.52 -16.62
C THR A 199 0.90 -22.38 -17.63
N LYS A 200 0.22 -21.29 -17.26
CA LYS A 200 0.20 -20.07 -18.04
C LYS A 200 1.26 -19.10 -17.49
N ASP A 201 1.46 -17.99 -18.20
CA ASP A 201 2.51 -17.04 -17.84
C ASP A 201 1.92 -15.99 -16.90
N ASP A 202 1.80 -16.37 -15.64
CA ASP A 202 1.28 -15.49 -14.60
C ASP A 202 1.99 -15.79 -13.29
N LEU A 203 1.62 -15.06 -12.24
CA LEU A 203 2.33 -15.18 -10.98
C LEU A 203 2.02 -16.50 -10.28
N ILE A 204 0.77 -16.96 -10.37
CA ILE A 204 0.43 -18.24 -9.73
C ILE A 204 1.22 -19.37 -10.35
N SER A 205 1.45 -19.30 -11.67
CA SER A 205 2.26 -20.32 -12.33
C SER A 205 3.72 -20.22 -11.88
N ILE A 206 4.21 -19.00 -11.67
CA ILE A 206 5.57 -18.83 -11.15
C ILE A 206 5.70 -19.52 -9.80
N LEU A 207 4.76 -19.25 -8.88
CA LEU A 207 4.80 -19.85 -7.56
C LEU A 207 4.70 -21.37 -7.65
N LEU A 208 4.03 -21.88 -8.69
CA LEU A 208 3.88 -23.33 -8.83
C LEU A 208 5.15 -24.00 -9.32
N GLU A 209 5.88 -23.33 -10.21
CA GLU A 209 7.10 -23.90 -10.77
CA GLU A 209 7.10 -23.88 -10.78
C GLU A 209 8.33 -23.58 -9.95
N TYR A 210 8.18 -22.84 -8.84
CA TYR A 210 9.32 -22.48 -7.99
C TYR A 210 9.87 -23.73 -7.32
N LYS A 211 11.19 -23.88 -7.38
CA LYS A 211 11.90 -25.03 -6.80
C LYS A 211 12.83 -24.53 -5.70
N ASN A 212 12.74 -25.15 -4.52
CA ASN A 212 13.63 -24.86 -3.39
C ASN A 212 14.37 -26.14 -3.05
N ASP A 213 15.58 -26.31 -3.60
CA ASP A 213 16.33 -27.55 -3.46
C ASP A 213 15.54 -28.72 -4.06
N GLU A 214 14.95 -28.48 -5.23
CA GLU A 214 14.12 -29.47 -5.92
C GLU A 214 12.94 -29.90 -5.05
N ASN A 215 12.35 -28.93 -4.34
CA ASN A 215 11.16 -29.17 -3.52
C ASN A 215 10.24 -27.97 -3.68
N SER A 216 9.01 -28.21 -4.13
CA SER A 216 8.06 -27.15 -4.38
C SER A 216 7.37 -26.73 -3.08
N ILE A 217 6.53 -25.70 -3.16
CA ILE A 217 5.80 -25.18 -2.01
C ILE A 217 4.35 -25.67 -2.09
N SER A 218 3.80 -26.06 -0.94
CA SER A 218 2.46 -26.61 -0.90
C SER A 218 1.44 -25.58 -1.41
N ASP A 219 0.33 -26.09 -1.93
CA ASP A 219 -0.68 -25.22 -2.53
C ASP A 219 -1.25 -24.24 -1.52
N THR A 220 -1.26 -24.61 -0.23
CA THR A 220 -1.75 -23.68 0.79
C THR A 220 -0.77 -22.52 0.99
N GLU A 221 0.52 -22.75 0.75
CA GLU A 221 1.48 -21.65 0.80
C GLU A 221 1.35 -20.78 -0.44
N ILE A 222 1.06 -21.40 -1.58
CA ILE A 222 0.80 -20.63 -2.80
C ILE A 222 -0.43 -19.77 -2.62
N LEU A 223 -1.47 -20.33 -2.00
CA LEU A 223 -2.67 -19.55 -1.72
C LEU A 223 -2.34 -18.35 -0.85
N ALA A 224 -1.62 -18.57 0.24
CA ALA A 224 -1.30 -17.47 1.14
C ALA A 224 -0.48 -16.39 0.43
N LEU A 225 0.52 -16.81 -0.35
CA LEU A 225 1.34 -15.83 -1.06
C LEU A 225 0.53 -15.10 -2.14
N SER A 226 -0.33 -15.83 -2.86
CA SER A 226 -1.20 -15.20 -3.84
C SER A 226 -2.11 -14.18 -3.16
N LEU A 227 -2.73 -14.55 -2.03
CA LEU A 227 -3.55 -13.60 -1.28
C LEU A 227 -2.72 -12.41 -0.83
N ASN A 228 -1.48 -12.67 -0.40
CA ASN A 228 -0.60 -11.58 0.00
C ASN A 228 -0.45 -10.56 -1.11
N VAL A 229 -0.19 -11.03 -2.34
CA VAL A 229 -0.03 -10.13 -3.47
C VAL A 229 -1.34 -9.44 -3.78
N LEU A 230 -2.44 -10.18 -3.76
CA LEU A 230 -3.74 -9.62 -4.09
C LEU A 230 -4.09 -8.46 -3.18
N LEU A 231 -3.98 -8.67 -1.87
CA LEU A 231 -4.31 -7.62 -0.92
C LEU A 231 -3.36 -6.45 -1.04
N ALA A 232 -2.06 -6.73 -1.08
CA ALA A 232 -1.07 -5.67 -1.11
C ALA A 232 -1.17 -4.83 -2.37
N ALA A 233 -1.32 -5.48 -3.53
CA ALA A 233 -1.29 -4.74 -4.78
C ALA A 233 -2.54 -3.91 -4.99
N THR A 234 -3.67 -4.32 -4.39
CA THR A 234 -4.94 -3.64 -4.61
C THR A 234 -5.07 -2.37 -3.76
N GLU A 235 -4.86 -2.49 -2.46
CA GLU A 235 -5.23 -1.41 -1.53
C GLU A 235 -4.66 -0.04 -1.88
N PRO A 236 -3.38 0.12 -2.20
CA PRO A 236 -2.83 1.47 -2.32
C PRO A 236 -3.07 2.16 -3.65
N VAL A 237 -3.71 1.49 -4.61
CA VAL A 237 -3.81 2.03 -5.98
C VAL A 237 -4.88 3.12 -6.06
N ASP A 238 -6.11 2.77 -5.72
CA ASP A 238 -7.18 3.77 -5.76
C ASP A 238 -6.81 4.97 -4.90
N LYS A 239 -6.14 4.76 -3.77
CA LYS A 239 -5.79 5.89 -2.92
C LYS A 239 -4.75 6.79 -3.59
N THR A 240 -3.68 6.20 -4.11
CA THR A 240 -2.61 7.03 -4.65
C THR A 240 -3.08 7.76 -5.90
N LEU A 241 -3.85 7.08 -6.76
CA LEU A 241 -4.35 7.77 -7.95
C LEU A 241 -5.23 8.97 -7.56
N ALA A 242 -6.09 8.80 -6.56
CA ALA A 242 -6.96 9.90 -6.16
C ALA A 242 -6.13 11.06 -5.62
N TYR A 243 -5.14 10.76 -4.78
CA TYR A 243 -4.30 11.80 -4.17
C TYR A 243 -3.51 12.54 -5.24
N LEU A 244 -3.02 11.81 -6.24
CA LEU A 244 -2.19 12.44 -7.28
C LEU A 244 -2.96 13.50 -8.04
N PHE A 245 -4.15 13.15 -8.55
CA PHE A 245 -4.90 14.13 -9.35
C PHE A 245 -5.46 15.24 -8.47
N TYR A 246 -5.80 14.94 -7.22
CA TYR A 246 -6.29 15.97 -6.32
C TYR A 246 -5.19 16.99 -6.00
N ASN A 247 -3.99 16.51 -5.63
CA ASN A 247 -2.92 17.44 -5.29
C ASN A 247 -2.51 18.27 -6.51
N LEU A 248 -2.48 17.65 -7.70
CA LEU A 248 -2.09 18.41 -8.87
C LEU A 248 -3.13 19.48 -9.19
N LEU A 249 -4.42 19.13 -9.09
CA LEU A 249 -5.47 20.11 -9.39
C LEU A 249 -5.58 21.18 -8.31
N LYS A 250 -5.15 20.87 -7.07
CA LYS A 250 -5.07 21.89 -6.04
C LYS A 250 -3.82 22.75 -6.18
N ASN A 251 -2.98 22.48 -7.17
CA ASN A 251 -1.78 23.26 -7.46
C ASN A 251 -1.71 23.48 -8.96
N PRO A 252 -2.58 24.35 -9.49
CA PRO A 252 -2.71 24.45 -10.96
C PRO A 252 -1.40 24.64 -11.69
N GLU A 253 -0.44 25.35 -11.08
CA GLU A 253 0.84 25.57 -11.75
C GLU A 253 1.58 24.25 -11.94
N GLN A 254 1.60 23.40 -10.91
CA GLN A 254 2.26 22.11 -11.05
C GLN A 254 1.51 21.17 -11.99
N PHE A 255 0.18 21.30 -12.05
CA PHE A 255 -0.58 20.52 -13.03
C PHE A 255 -0.18 20.90 -14.45
N GLU A 256 0.03 22.19 -14.70
CA GLU A 256 0.47 22.62 -16.03
C GLU A 256 1.89 22.16 -16.32
N SER A 257 2.74 22.07 -15.29
CA SER A 257 4.09 21.62 -15.50
C SER A 257 4.12 20.16 -15.94
N VAL A 258 3.22 19.34 -15.39
CA VAL A 258 3.16 17.94 -15.81
C VAL A 258 2.62 17.84 -17.24
N LYS A 259 1.65 18.70 -17.59
CA LYS A 259 1.13 18.69 -18.95
C LYS A 259 2.18 19.16 -19.96
N ASN A 260 3.06 20.06 -19.54
CA ASN A 260 4.11 20.55 -20.45
C ASN A 260 5.27 19.58 -20.56
N ASN A 261 5.68 18.95 -19.46
CA ASN A 261 6.72 17.91 -19.46
C ASN A 261 6.12 16.62 -18.93
N PRO A 262 5.59 15.76 -19.79
CA PRO A 262 5.05 14.48 -19.30
C PRO A 262 6.00 13.69 -18.42
N LYS A 263 7.32 13.83 -18.59
CA LYS A 263 8.26 13.06 -17.79
C LYS A 263 8.18 13.41 -16.31
N LEU A 264 7.66 14.58 -15.96
CA LEU A 264 7.52 14.98 -14.57
C LEU A 264 6.50 14.16 -13.82
N ILE A 265 5.78 13.25 -14.48
CA ILE A 265 4.72 12.51 -13.79
C ILE A 265 5.31 11.55 -12.76
N LYS A 266 6.45 10.95 -13.07
CA LYS A 266 7.08 10.04 -12.10
C LYS A 266 7.37 10.77 -10.79
N ASN A 267 7.96 11.97 -10.88
CA ASN A 267 8.23 12.74 -9.68
C ASN A 267 6.95 13.13 -8.97
N ALA A 268 5.90 13.43 -9.74
CA ALA A 268 4.62 13.77 -9.12
C ALA A 268 4.07 12.60 -8.32
N ILE A 269 4.20 11.39 -8.87
CA ILE A 269 3.75 10.20 -8.15
C ILE A 269 4.56 10.01 -6.87
N ILE A 270 5.90 10.17 -6.97
CA ILE A 270 6.75 9.99 -5.80
C ILE A 270 6.41 11.02 -4.71
N GLU A 271 6.20 12.26 -5.12
CA GLU A 271 5.86 13.29 -4.13
C GLU A 271 4.49 13.00 -3.52
N THR A 272 3.56 12.51 -4.32
CA THR A 272 2.26 12.11 -3.77
C THR A 272 2.43 11.03 -2.70
N LEU A 273 3.26 10.05 -2.97
CA LEU A 273 3.46 8.96 -2.02
C LEU A 273 4.08 9.47 -0.73
N ARG A 274 4.99 10.43 -0.83
CA ARG A 274 5.56 11.05 0.35
C ARG A 274 4.51 11.84 1.12
N TYR A 275 3.73 12.67 0.39
CA TYR A 275 2.85 13.65 1.02
C TYR A 275 1.60 13.01 1.59
N ASN A 276 0.98 12.10 0.84
CA ASN A 276 -0.22 11.39 1.26
C ASN A 276 0.10 9.90 1.21
N SER A 277 0.82 9.43 2.20
CA SER A 277 1.30 8.05 2.25
C SER A 277 0.12 7.10 2.38
N PRO A 278 -0.14 6.26 1.37
CA PRO A 278 -1.35 5.42 1.45
C PRO A 278 -1.20 4.31 2.47
N VAL A 279 0.00 3.80 2.70
CA VAL A 279 0.28 2.85 3.78
C VAL A 279 0.88 3.66 4.90
N GLN A 280 0.12 3.85 5.99
CA GLN A 280 0.48 4.80 7.04
C GLN A 280 1.27 4.18 8.19
N LEU A 281 1.06 2.90 8.46
CA LEU A 281 1.64 2.26 9.64
C LEU A 281 2.35 0.97 9.25
N ILE A 282 3.52 0.73 9.85
CA ILE A 282 4.23 -0.53 9.73
C ILE A 282 4.61 -1.02 11.12
N PRO A 283 4.07 -2.16 11.58
CA PRO A 283 4.42 -2.67 12.91
C PRO A 283 5.65 -3.56 12.89
N ARG A 284 6.32 -3.60 14.04
CA ARG A 284 7.44 -4.48 14.29
C ARG A 284 7.43 -4.90 15.75
N GLN A 285 8.03 -6.05 16.04
CA GLN A 285 8.15 -6.55 17.41
C GLN A 285 9.58 -6.37 17.89
N VAL A 286 9.71 -5.80 19.08
CA VAL A 286 11.03 -5.54 19.66
C VAL A 286 11.57 -6.84 20.25
N SER A 287 12.79 -7.20 19.86
CA SER A 287 13.36 -8.49 20.23
C SER A 287 14.29 -8.45 21.42
N LYS A 288 14.66 -7.27 21.91
CA LYS A 288 15.55 -7.16 23.06
C LYS A 288 15.49 -5.73 23.60
N PRO A 289 15.90 -5.51 24.85
CA PRO A 289 15.86 -4.16 25.41
C PRO A 289 16.49 -3.14 24.48
N PHE A 290 15.92 -1.94 24.46
CA PHE A 290 16.34 -0.89 23.53
C PHE A 290 15.75 0.42 24.01
N ILE A 291 16.39 1.52 23.61
CA ILE A 291 15.96 2.84 24.05
C ILE A 291 16.10 3.82 22.89
N PHE A 292 15.01 4.54 22.59
CA PHE A 292 15.01 5.73 21.75
C PHE A 292 14.78 6.94 22.65
N ASN A 293 15.53 8.02 22.38
CA ASN A 293 15.60 9.20 23.25
C ASN A 293 15.78 8.75 24.72
N ASN A 294 14.70 8.79 25.52
CA ASN A 294 14.74 8.18 26.85
C ASN A 294 13.51 7.33 27.09
N THR A 295 12.92 6.78 26.03
CA THR A 295 11.78 5.87 26.12
C THR A 295 12.30 4.43 25.99
N GLU A 296 12.15 3.66 27.04
CA GLU A 296 12.67 2.30 27.09
CA GLU A 296 12.68 2.31 27.08
C GLU A 296 11.67 1.33 26.49
N LEU A 297 12.17 0.39 25.69
CA LEU A 297 11.39 -0.69 25.13
C LEU A 297 11.96 -2.01 25.64
N GLN A 298 11.08 -2.99 25.79
N GLN A 298 11.07 -3.00 25.78
CA GLN A 298 11.46 -4.32 26.27
CA GLN A 298 11.44 -4.32 26.27
C GLN A 298 11.17 -5.36 25.22
C GLN A 298 11.21 -5.35 25.18
N ALA A 299 11.84 -6.51 25.34
CA ALA A 299 11.60 -7.63 24.44
C ALA A 299 10.12 -7.98 24.48
N GLY A 300 9.51 -8.10 23.29
CA GLY A 300 8.10 -8.40 23.17
C GLY A 300 7.22 -7.20 22.94
N ASP A 301 7.72 -5.99 23.17
CA ASP A 301 6.95 -4.79 22.89
C ASP A 301 6.72 -4.64 21.40
N THR A 302 5.77 -3.78 21.04
CA THR A 302 5.38 -3.54 19.66
C THR A 302 5.61 -2.07 19.32
N VAL A 303 6.38 -1.82 18.27
CA VAL A 303 6.58 -0.48 17.74
C VAL A 303 5.82 -0.40 16.42
N ILE A 304 5.29 0.79 16.14
CA ILE A 304 4.51 1.04 14.94
C ILE A 304 5.09 2.27 14.26
N CYS A 305 5.76 2.06 13.13
CA CYS A 305 6.31 3.17 12.38
C CYS A 305 5.21 3.98 11.71
N MET A 306 5.26 5.30 11.85
CA MET A 306 4.27 6.18 11.24
C MET A 306 4.86 6.75 9.96
N ILE A 307 4.55 6.08 8.83
CA ILE A 307 5.16 6.41 7.55
C ILE A 307 4.78 7.83 7.12
N GLY A 308 3.50 8.20 7.27
CA GLY A 308 3.12 9.55 6.91
C GLY A 308 3.89 10.60 7.70
N SER A 309 4.02 10.39 9.01
CA SER A 309 4.71 11.36 9.85
C SER A 309 6.19 11.42 9.46
N ALA A 310 6.81 10.27 9.24
CA ALA A 310 8.23 10.26 8.90
C ALA A 310 8.49 11.00 7.60
N ASN A 311 7.59 10.83 6.64
CA ASN A 311 7.74 11.47 5.34
C ASN A 311 7.49 12.95 5.38
N ARG A 312 6.98 13.47 6.50
CA ARG A 312 6.80 14.90 6.67
C ARG A 312 7.72 15.45 7.78
N ASP A 313 8.77 14.72 8.12
CA ASP A 313 9.72 15.17 9.16
C ASP A 313 10.54 16.33 8.64
N PRO A 314 10.52 17.50 9.30
CA PRO A 314 11.34 18.62 8.82
C PRO A 314 12.85 18.33 8.88
N GLU A 315 13.29 17.31 9.60
CA GLU A 315 14.70 16.92 9.58
CA GLU A 315 14.71 16.93 9.57
C GLU A 315 15.07 16.17 8.30
N ALA A 316 14.09 15.68 7.55
CA ALA A 316 14.33 14.99 6.29
C ALA A 316 13.92 15.79 5.07
N TYR A 317 13.01 16.74 5.20
CA TYR A 317 12.48 17.49 4.06
C TYR A 317 12.28 18.95 4.46
N SER A 318 12.68 19.86 3.58
CA SER A 318 12.37 21.27 3.77
C SER A 318 10.94 21.52 3.31
N ASN A 319 10.22 22.36 4.07
CA ASN A 319 8.80 22.61 3.84
C ASN A 319 8.07 21.28 3.65
N PRO A 320 8.14 20.38 4.63
CA PRO A 320 7.65 19.01 4.39
C PRO A 320 6.16 18.89 4.22
N ASP A 321 5.37 19.83 4.74
CA ASP A 321 3.92 19.76 4.65
C ASP A 321 3.36 20.47 3.42
N GLU A 322 4.18 20.70 2.41
CA GLU A 322 3.75 21.31 1.16
CA GLU A 322 3.75 21.31 1.16
C GLU A 322 3.97 20.33 0.01
N PHE A 323 2.98 20.23 -0.87
CA PHE A 323 3.07 19.37 -2.05
C PHE A 323 3.87 20.10 -3.11
N ASN A 324 4.99 19.49 -3.53
CA ASN A 324 5.90 20.13 -4.49
C ASN A 324 6.57 19.05 -5.32
N ILE A 325 6.11 18.87 -6.56
CA ILE A 325 6.67 17.81 -7.41
C ILE A 325 8.08 18.09 -7.86
N HIS A 326 8.63 19.27 -7.57
CA HIS A 326 9.95 19.64 -8.07
C HIS A 326 11.05 19.44 -7.03
N ARG A 327 10.85 18.56 -6.05
CA ARG A 327 11.88 18.35 -5.02
C ARG A 327 13.06 17.59 -5.60
N SER A 328 14.26 17.99 -5.17
CA SER A 328 15.49 17.37 -5.63
C SER A 328 16.61 17.69 -4.66
N SER A 329 17.63 16.84 -4.65
CA SER A 329 18.78 17.02 -3.78
C SER A 329 20.05 17.28 -4.60
N THR A 336 20.03 18.80 5.43
CA THR A 336 19.24 17.86 4.65
C THR A 336 17.88 18.46 4.30
N SER A 337 17.69 18.78 3.02
CA SER A 337 16.43 19.31 2.54
C SER A 337 15.60 18.30 1.78
N HIS A 338 16.18 17.17 1.37
CA HIS A 338 15.45 16.10 0.71
C HIS A 338 16.04 14.76 1.13
N SER A 339 15.18 13.74 1.20
CA SER A 339 15.59 12.38 1.51
C SER A 339 14.72 11.40 0.74
N GLN A 340 15.16 10.14 0.73
CA GLN A 340 14.34 9.07 0.17
C GLN A 340 13.13 8.83 1.06
N ASN A 341 11.94 8.87 0.47
CA ASN A 341 10.76 8.69 1.30
C ASN A 341 10.64 7.22 1.71
N LEU A 342 9.81 6.96 2.72
CA LEU A 342 9.63 5.63 3.27
C LEU A 342 8.28 5.04 2.88
N SER A 343 7.72 5.52 1.76
CA SER A 343 6.39 5.08 1.34
C SER A 343 6.35 3.60 1.02
N PHE A 344 7.44 3.06 0.48
CA PHE A 344 7.59 1.64 0.20
C PHE A 344 8.37 0.92 1.29
N GLY A 345 8.58 1.57 2.43
CA GLY A 345 9.43 0.96 3.45
C GLY A 345 10.89 1.07 3.09
N THR A 346 11.71 0.29 3.79
CA THR A 346 13.13 0.20 3.52
C THR A 346 13.67 -1.04 4.22
N GLY A 347 14.88 -1.43 3.83
CA GLY A 347 15.50 -2.60 4.42
C GLY A 347 14.98 -3.89 3.83
N VAL A 348 15.01 -4.95 4.65
CA VAL A 348 14.81 -6.30 4.13
C VAL A 348 13.45 -6.43 3.47
N HIS A 349 12.41 -5.88 4.09
CA HIS A 349 11.04 -6.08 3.63
C HIS A 349 10.52 -4.91 2.81
N THR A 350 11.39 -4.18 2.14
CA THR A 350 10.97 -3.11 1.27
C THR A 350 10.05 -3.67 0.18
N CYS A 351 9.09 -2.86 -0.24
CA CYS A 351 8.01 -3.33 -1.09
C CYS A 351 8.52 -3.96 -2.37
N VAL A 352 8.18 -5.24 -2.58
CA VAL A 352 8.59 -5.92 -3.80
C VAL A 352 7.93 -5.33 -5.03
N GLY A 353 6.80 -4.64 -4.88
CA GLY A 353 6.08 -4.11 -6.01
C GLY A 353 6.31 -2.64 -6.24
N ALA A 354 7.40 -2.11 -5.70
CA ALA A 354 7.67 -0.68 -5.82
C ALA A 354 7.85 -0.26 -7.28
N SER A 355 8.74 -0.96 -8.00
CA SER A 355 9.01 -0.56 -9.38
C SER A 355 7.76 -0.72 -10.25
N PHE A 356 7.04 -1.83 -10.08
CA PHE A 356 5.81 -2.04 -10.86
C PHE A 356 4.78 -0.98 -10.55
N SER A 357 4.60 -0.66 -9.27
CA SER A 357 3.62 0.34 -8.89
C SER A 357 3.91 1.66 -9.59
N LEU A 358 5.16 2.11 -9.55
CA LEU A 358 5.49 3.37 -10.21
C LEU A 358 5.19 3.31 -11.71
N ILE A 359 5.47 2.17 -12.35
CA ILE A 359 5.21 2.03 -13.79
C ILE A 359 3.73 1.98 -14.04
N GLN A 360 3.00 1.15 -13.28
CA GLN A 360 1.56 1.03 -13.40
C GLN A 360 0.88 2.39 -13.21
N LEU A 361 1.32 3.14 -12.20
CA LEU A 361 0.66 4.40 -11.89
C LEU A 361 0.97 5.47 -12.94
N GLU A 362 2.19 5.48 -13.48
CA GLU A 362 2.50 6.41 -14.56
C GLU A 362 1.63 6.14 -15.79
N MET A 363 1.53 4.87 -16.20
CA MET A 363 0.73 4.54 -17.39
C MET A 363 -0.71 5.01 -17.21
N VAL A 364 -1.27 4.85 -16.02
CA VAL A 364 -2.67 5.23 -15.81
C VAL A 364 -2.82 6.75 -15.86
N ALA A 365 -1.93 7.47 -15.18
CA ALA A 365 -2.02 8.92 -15.15
C ALA A 365 -1.89 9.51 -16.55
N ILE A 366 -0.94 8.99 -17.34
CA ILE A 366 -0.70 9.55 -18.66
C ILE A 366 -1.95 9.35 -19.53
N LEU A 367 -2.59 8.18 -19.45
CA LEU A 367 -3.78 7.92 -20.25
C LEU A 367 -4.93 8.83 -19.84
N LEU A 368 -5.16 8.99 -18.53
CA LEU A 368 -6.20 9.89 -18.08
C LEU A 368 -5.96 11.31 -18.59
N LEU A 369 -4.71 11.80 -18.49
CA LEU A 369 -4.39 13.13 -19.03
C LEU A 369 -4.56 13.18 -20.54
N LYS A 370 -4.31 12.07 -21.21
CA LYS A 370 -4.40 12.06 -22.67
C LYS A 370 -5.85 12.12 -23.15
N ARG A 371 -6.73 11.34 -22.52
CA ARG A 371 -8.08 11.15 -23.03
C ARG A 371 -9.12 12.07 -22.41
N LEU A 372 -8.90 12.55 -21.18
CA LEU A 372 -9.81 13.48 -20.51
C LEU A 372 -9.25 14.89 -20.67
N LYS A 373 -9.92 15.69 -21.49
CA LYS A 373 -9.42 17.01 -21.86
C LYS A 373 -10.02 18.07 -20.94
N ASN A 374 -9.21 19.08 -20.63
CA ASN A 374 -9.61 20.19 -19.77
C ASN A 374 -10.20 19.67 -18.45
N ILE A 375 -9.38 18.92 -17.71
CA ILE A 375 -9.83 18.34 -16.47
C ILE A 375 -10.09 19.44 -15.46
N LYS A 376 -11.20 19.33 -14.75
CA LYS A 376 -11.59 20.29 -13.72
C LYS A 376 -11.93 19.50 -12.45
N LEU A 377 -11.58 20.05 -11.29
CA LEU A 377 -11.87 19.39 -10.03
C LEU A 377 -13.30 19.70 -9.59
N LYS A 378 -14.06 18.67 -9.24
CA LYS A 378 -15.40 18.81 -8.68
C LYS A 378 -15.43 18.60 -7.17
N THR A 379 -14.63 17.66 -6.65
CA THR A 379 -14.48 17.48 -5.21
C THR A 379 -13.46 18.49 -4.71
N MET A 380 -13.93 19.67 -4.28
CA MET A 380 -13.04 20.75 -3.89
C MET A 380 -12.36 20.45 -2.57
N GLU A 381 -13.02 19.71 -1.69
CA GLU A 381 -12.47 19.30 -0.40
C GLU A 381 -12.71 17.81 -0.22
N ILE A 382 -11.62 17.07 0.01
CA ILE A 382 -11.74 15.64 0.21
C ILE A 382 -11.98 15.37 1.69
N THR A 383 -12.54 14.20 1.99
CA THR A 383 -12.59 13.66 3.35
C THR A 383 -11.84 12.33 3.30
N GLU A 384 -10.83 12.20 4.16
CA GLU A 384 -9.95 11.03 4.16
C GLU A 384 -10.34 10.11 5.30
N HIS A 385 -10.14 8.82 5.09
CA HIS A 385 -10.51 7.81 6.06
CA HIS A 385 -10.52 7.79 6.04
C HIS A 385 -9.40 6.77 6.17
N GLY A 386 -9.32 6.15 7.34
CA GLY A 386 -8.31 5.15 7.60
C GLY A 386 -7.07 5.68 8.31
N ILE A 387 -6.54 4.92 9.25
CA ILE A 387 -5.28 5.27 9.90
C ILE A 387 -4.17 4.30 9.58
N TYR A 388 -4.48 3.07 9.17
CA TYR A 388 -3.48 2.10 8.73
C TYR A 388 -3.22 2.25 7.23
N THR A 389 -4.28 2.18 6.44
CA THR A 389 -4.24 2.61 5.04
C THR A 389 -5.23 3.75 4.91
N ARG A 390 -4.85 4.78 4.14
CA ARG A 390 -5.56 6.04 4.17
C ARG A 390 -5.75 6.56 2.76
N GLY A 391 -6.96 7.04 2.46
CA GLY A 391 -7.26 7.64 1.18
C GLY A 391 -8.52 8.47 1.21
N PRO A 392 -8.79 9.17 0.10
CA PRO A 392 -10.04 9.94 -0.01
C PRO A 392 -11.25 9.03 -0.16
N LYS A 393 -12.37 9.49 0.37
CA LYS A 393 -13.63 8.81 0.16
C LYS A 393 -14.08 8.90 -1.28
N SER A 394 -13.90 10.07 -1.91
CA SER A 394 -14.34 10.32 -3.27
C SER A 394 -13.45 11.42 -3.82
N MET A 395 -13.22 11.39 -5.12
CA MET A 395 -12.38 12.39 -5.78
C MET A 395 -12.88 12.50 -7.23
N VAL A 396 -13.85 13.37 -7.45
CA VAL A 396 -14.55 13.47 -8.73
C VAL A 396 -13.91 14.58 -9.55
N ILE A 397 -13.69 14.31 -10.82
CA ILE A 397 -13.18 15.28 -11.78
C ILE A 397 -14.14 15.34 -12.95
N SER A 398 -14.15 16.48 -13.63
CA SER A 398 -14.92 16.68 -14.85
C SER A 398 -13.97 16.97 -16.01
N PHE A 399 -14.49 16.77 -17.22
CA PHE A 399 -13.70 16.88 -18.44
C PHE A 399 -14.66 17.11 -19.61
N ASP A 400 -14.10 17.34 -20.79
CA ASP A 400 -14.91 17.62 -21.98
C ASP A 400 -15.46 16.33 -22.56
C1 LS9 B . 0.98 -3.41 2.64
C2 LS9 B . -0.21 -2.83 2.20
C3 LS9 B . -0.37 -2.54 0.85
C4 LS9 B . 0.67 -2.83 -0.01
C5 LS9 B . 1.98 -3.67 1.69
B1 LS9 B . 1.18 -3.74 4.17
N1 LS9 B . 1.82 -3.39 0.40
O1 LS9 B . 2.33 -4.36 4.58
O2 LS9 B . 0.23 -3.40 5.07
H3 LS9 B . -0.91 -2.64 2.82
H4 LS9 B . -1.18 -2.15 0.53
H5 LS9 B . 0.56 -2.63 -0.92
H6 LS9 B . 2.79 -4.06 1.98
H1 LS9 B . 3.00 -3.90 4.47
H2 LS9 B . -0.02 -4.06 5.54
CHA HEM C . 5.80 -4.37 1.39
CHB HEM C . 3.83 -0.06 0.41
CHC HEM C . 2.35 -1.80 -3.85
CHD HEM C . 3.48 -6.27 -2.40
C1A HEM C . 5.45 -3.05 1.50
C2A HEM C . 5.81 -2.13 2.56
C3A HEM C . 5.24 -0.94 2.28
C4A HEM C . 4.54 -1.06 1.04
CMA HEM C . 5.34 0.36 3.10
CAA HEM C . 6.70 -2.46 3.80
CBA HEM C . 5.93 -3.34 4.75
CGA HEM C . 6.78 -3.72 5.92
O1A HEM C . 6.25 -4.43 6.79
O2A HEM C . 8.01 -3.35 5.98
C1B HEM C . 3.31 -0.14 -0.86
C2B HEM C . 2.78 0.97 -1.63
C3B HEM C . 2.34 0.47 -2.82
C4B HEM C . 2.60 -0.95 -2.82
CMB HEM C . 2.70 2.43 -1.14
CAB HEM C . 1.75 1.23 -4.01
CBB HEM C . 1.63 2.56 -4.10
C1C HEM C . 2.54 -3.15 -3.85
C2C HEM C . 2.27 -4.06 -4.96
C3C HEM C . 2.59 -5.31 -4.56
C4C HEM C . 3.06 -5.22 -3.19
CMC HEM C . 1.73 -3.60 -6.33
CAC HEM C . 2.52 -6.65 -5.31
CBC HEM C . 2.22 -6.71 -6.63
C1D HEM C . 4.23 -6.15 -1.25
C2D HEM C . 4.88 -7.24 -0.53
C3D HEM C . 5.51 -6.73 0.50
C4D HEM C . 5.30 -5.29 0.50
CMD HEM C . 4.83 -8.73 -0.92
CAD HEM C . 6.34 -7.52 1.55
CBD HEM C . 7.84 -7.45 1.17
CGD HEM C . 8.68 -8.26 2.11
O1D HEM C . 8.20 -8.64 3.21
O2D HEM C . 9.85 -8.55 1.76
NA HEM C . 4.70 -2.36 0.62
NB HEM C . 3.21 -1.30 -1.60
NC HEM C . 3.01 -3.89 -2.82
ND HEM C . 4.51 -4.97 -0.60
FE HEM C . 3.94 -3.16 -1.14
HHB HEM C . 3.68 0.76 0.92
HHC HEM C . 2.01 -1.40 -4.68
HHD HEM C . 3.21 -7.17 -2.67
HMA HEM C . 4.80 1.06 2.66
HMAA HEM C . 6.27 0.64 3.13
HMAB HEM C . 5.01 0.20 4.00
HAA HEM C . 6.94 -1.64 4.25
HAAA HEM C . 7.51 -2.92 3.51
HBA HEM C . 5.64 -4.14 4.29
HBAA HEM C . 5.15 -2.85 5.07
HMB HEM C . 2.68 2.45 -0.17
HMBA HEM C . 1.90 2.84 -1.49
HMBB HEM C . 3.48 2.92 -1.46
HAB HEM C . 1.42 0.71 -4.74
HBB HEM C . 1.24 2.96 -4.88
HBBA HEM C . 1.95 3.12 -3.38
HMC HEM C . 1.24 -2.77 -6.23
HMCA HEM C . 1.13 -4.28 -6.69
HMCB HEM C . 2.47 -3.46 -6.93
HAC HEM C . 2.68 -7.47 -4.84
HBC HEM C . 2.18 -7.57 -7.07
HBCA HEM C . 2.05 -5.90 -7.12
HMD HEM C . 3.92 -9.06 -0.83
HMDA HEM C . 5.42 -9.24 -0.32
HMDB HEM C . 5.14 -8.84 -1.84
HAD HEM C . 6.06 -8.45 1.55
HADA HEM C . 6.21 -7.15 2.43
HBD HEM C . 8.13 -6.53 1.21
HBDA HEM C . 7.95 -7.79 0.27
HHA HEM C . 6.47 -4.70 2.03
#